data_6VFJ
#
_entry.id   6VFJ
#
loop_
_entity.id
_entity.type
_entity.pdbx_description
1 polymer I53_dn5B
2 polymer I53_dn5A
#
loop_
_entity_poly.entity_id
_entity_poly.type
_entity_poly.pdbx_seq_one_letter_code
_entity_poly.pdbx_strand_id
1 'polypeptide(L)'
;MEEAELAYLLGELAYKLGEYRIAIRAYRIALKRDPNNAEAWYNLGNAYYKQGRYREAIEYYQKALELDPNNAEAWYNLGN
AYYERGEYEEAIEYYRKALRLDPNNADAMQNLLNAKMREELEHHHHHH
;
B
2 'polypeptide(L)'
;MGKYDGSKLRIGILHARWNAEIILALVLGALKRLQEFGVKRENIIIETVPGSFELPYGSKLFVEKQKRLGKPLDAIIPIG
VLIKGSTMHFEYICDSTTHQLMKLNFELGIPVIFGVLTCLTDEQAEARAGLIEGKMHNHGEDWGAAAVEMATKFN
;
A
#
# COMPACT_ATOMS: atom_id res chain seq x y z
N GLU A 2 -27.29 29.72 2.77
CA GLU A 2 -27.83 30.85 2.02
C GLU A 2 -26.95 31.12 0.79
N GLU A 3 -26.31 32.29 0.73
CA GLU A 3 -25.45 32.58 -0.42
C GLU A 3 -24.34 31.55 -0.52
N ALA A 4 -23.87 31.07 0.63
CA ALA A 4 -22.82 30.08 0.63
C ALA A 4 -23.29 28.82 -0.03
N GLU A 5 -24.56 28.46 0.12
CA GLU A 5 -24.99 27.21 -0.45
C GLU A 5 -24.97 27.34 -1.94
N LEU A 6 -25.39 28.49 -2.43
CA LEU A 6 -25.42 28.65 -3.87
C LEU A 6 -24.00 28.69 -4.39
N ALA A 7 -23.12 29.33 -3.64
CA ALA A 7 -21.73 29.40 -4.01
C ALA A 7 -21.08 28.01 -3.94
N TYR A 8 -21.51 27.16 -2.99
CA TYR A 8 -20.94 25.83 -2.92
C TYR A 8 -21.49 24.99 -4.05
N LEU A 9 -22.75 25.17 -4.39
CA LEU A 9 -23.34 24.41 -5.48
C LEU A 9 -22.71 24.81 -6.81
N LEU A 10 -22.42 26.11 -6.96
CA LEU A 10 -21.79 26.59 -8.16
C LEU A 10 -20.37 26.08 -8.27
N GLY A 11 -19.62 26.14 -7.17
CA GLY A 11 -18.28 25.65 -7.25
C GLY A 11 -18.32 24.17 -7.52
N GLU A 12 -19.21 23.44 -6.84
CA GLU A 12 -19.30 22.00 -6.99
C GLU A 12 -19.55 21.63 -8.42
N LEU A 13 -20.42 22.38 -9.08
CA LEU A 13 -20.71 22.06 -10.45
C LEU A 13 -19.44 22.30 -11.26
N ALA A 14 -18.73 23.40 -10.98
CA ALA A 14 -17.50 23.69 -11.68
C ALA A 14 -16.44 22.60 -11.42
N TYR A 15 -16.40 22.03 -10.21
CA TYR A 15 -15.40 20.99 -9.95
C TYR A 15 -15.69 19.79 -10.81
N LYS A 16 -16.96 19.42 -10.88
CA LYS A 16 -17.40 18.27 -11.64
C LYS A 16 -17.14 18.42 -13.11
N LEU A 17 -17.25 19.65 -13.58
CA LEU A 17 -17.03 19.98 -14.97
C LEU A 17 -15.58 20.26 -15.31
N GLY A 18 -14.69 20.20 -14.32
CA GLY A 18 -13.27 20.43 -14.56
C GLY A 18 -12.83 21.89 -14.68
N GLU A 19 -13.63 22.84 -14.19
CA GLU A 19 -13.24 24.25 -14.31
C GLU A 19 -12.84 24.78 -12.97
N TYR A 20 -11.55 24.91 -12.78
CA TYR A 20 -11.08 25.26 -11.48
C TYR A 20 -11.04 26.74 -11.23
N ARG A 21 -11.03 27.57 -12.27
CA ARG A 21 -11.01 28.97 -11.91
C ARG A 21 -12.27 29.31 -11.15
N ILE A 22 -13.38 28.75 -11.62
CA ILE A 22 -14.66 28.97 -11.00
C ILE A 22 -14.73 28.15 -9.76
N ALA A 23 -14.34 26.89 -9.80
CA ALA A 23 -14.46 26.09 -8.60
C ALA A 23 -13.76 26.77 -7.43
N ILE A 24 -12.59 27.37 -7.68
CA ILE A 24 -11.85 28.05 -6.66
C ILE A 24 -12.52 29.32 -6.23
N ARG A 25 -12.95 30.16 -7.16
CA ARG A 25 -13.55 31.40 -6.69
C ARG A 25 -14.86 31.16 -5.99
N ALA A 26 -15.67 30.26 -6.50
CA ALA A 26 -16.95 30.01 -5.90
C ALA A 26 -16.79 29.45 -4.50
N TYR A 27 -15.81 28.57 -4.27
CA TYR A 27 -15.64 28.09 -2.93
C TYR A 27 -15.01 29.13 -2.05
N ARG A 28 -14.12 29.95 -2.55
CA ARG A 28 -13.59 30.95 -1.66
C ARG A 28 -14.71 31.87 -1.22
N ILE A 29 -15.62 32.22 -2.12
CA ILE A 29 -16.73 33.09 -1.77
C ILE A 29 -17.61 32.39 -0.76
N ALA A 30 -17.93 31.14 -1.02
CA ALA A 30 -18.79 30.40 -0.14
C ALA A 30 -18.21 30.28 1.25
N LEU A 31 -16.90 30.07 1.33
CA LEU A 31 -16.17 29.95 2.57
C LEU A 31 -16.06 31.27 3.28
N LYS A 32 -15.98 32.37 2.55
CA LYS A 32 -15.97 33.65 3.25
C LYS A 32 -17.29 33.80 3.98
N ARG A 33 -18.37 33.36 3.32
CA ARG A 33 -19.69 33.40 3.92
C ARG A 33 -19.85 32.33 5.02
N ASP A 34 -19.24 31.15 4.84
CA ASP A 34 -19.25 30.07 5.83
C ASP A 34 -17.92 29.27 5.88
N PRO A 35 -16.96 29.76 6.69
CA PRO A 35 -15.61 29.25 6.86
C PRO A 35 -15.51 27.86 7.48
N ASN A 36 -16.59 27.30 8.00
CA ASN A 36 -16.44 26.01 8.66
C ASN A 36 -16.72 24.83 7.76
N ASN A 37 -16.93 25.09 6.48
CA ASN A 37 -17.23 23.97 5.63
C ASN A 37 -15.96 23.24 5.20
N ALA A 38 -15.63 22.19 5.97
CA ALA A 38 -14.42 21.40 5.79
C ALA A 38 -14.38 20.76 4.43
N GLU A 39 -15.54 20.35 3.93
CA GLU A 39 -15.58 19.67 2.65
C GLU A 39 -15.19 20.61 1.58
N ALA A 40 -15.68 21.82 1.65
CA ALA A 40 -15.32 22.82 0.70
C ALA A 40 -13.86 23.16 0.83
N TRP A 41 -13.33 23.19 2.05
CA TRP A 41 -11.91 23.48 2.17
C TRP A 41 -11.08 22.34 1.54
N TYR A 42 -11.53 21.08 1.69
CA TYR A 42 -10.80 19.99 1.09
C TYR A 42 -10.87 20.08 -0.41
N ASN A 43 -12.04 20.43 -0.91
CA ASN A 43 -12.24 20.54 -2.33
C ASN A 43 -11.47 21.70 -2.88
N LEU A 44 -11.36 22.76 -2.10
CA LEU A 44 -10.63 23.89 -2.54
C LEU A 44 -9.22 23.41 -2.73
N GLY A 45 -8.71 22.65 -1.76
CA GLY A 45 -7.37 22.11 -1.87
C GLY A 45 -7.26 21.23 -3.10
N ASN A 46 -8.31 20.48 -3.43
CA ASN A 46 -8.29 19.63 -4.60
C ASN A 46 -8.19 20.45 -5.87
N ALA A 47 -8.81 21.64 -5.89
CA ALA A 47 -8.72 22.46 -7.09
C ALA A 47 -7.30 22.94 -7.29
N TYR A 48 -6.67 23.33 -6.19
CA TYR A 48 -5.32 23.84 -6.31
C TYR A 48 -4.38 22.72 -6.66
N TYR A 49 -4.65 21.56 -6.09
CA TYR A 49 -3.92 20.35 -6.31
C TYR A 49 -3.97 20.02 -7.78
N LYS A 50 -5.17 20.05 -8.34
CA LYS A 50 -5.39 19.75 -9.74
C LYS A 50 -4.62 20.70 -10.65
N GLN A 51 -4.49 21.95 -10.23
CA GLN A 51 -3.78 22.94 -11.01
C GLN A 51 -2.25 22.84 -10.86
N GLY A 52 -1.77 21.94 -9.99
CA GLY A 52 -0.34 21.77 -9.75
C GLY A 52 0.15 22.68 -8.63
N ARG A 53 -0.80 23.35 -8.02
CA ARG A 53 -0.53 24.28 -6.97
C ARG A 53 -0.58 23.54 -5.67
N TYR A 54 0.45 22.74 -5.46
CA TYR A 54 0.48 21.83 -4.36
C TYR A 54 0.67 22.52 -3.04
N ARG A 55 1.38 23.65 -3.01
CA ARG A 55 1.52 24.27 -1.71
C ARG A 55 0.21 24.87 -1.28
N GLU A 56 -0.52 25.44 -2.24
CA GLU A 56 -1.80 26.01 -1.94
C GLU A 56 -2.73 24.88 -1.52
N ALA A 57 -2.64 23.74 -2.22
CA ALA A 57 -3.50 22.63 -1.90
C ALA A 57 -3.31 22.21 -0.47
N ILE A 58 -2.06 22.22 -0.03
CA ILE A 58 -1.74 21.89 1.34
C ILE A 58 -2.36 22.87 2.27
N GLU A 59 -2.26 24.15 2.00
CA GLU A 59 -2.84 25.10 2.93
C GLU A 59 -4.32 24.84 3.16
N TYR A 60 -5.04 24.52 2.11
CA TYR A 60 -6.46 24.32 2.25
C TYR A 60 -6.78 22.97 2.83
N TYR A 61 -5.98 21.95 2.51
CA TYR A 61 -6.19 20.65 3.06
C TYR A 61 -5.93 20.68 4.55
N GLN A 62 -4.91 21.43 4.98
CA GLN A 62 -4.60 21.49 6.39
C GLN A 62 -5.73 22.18 7.13
N LYS A 63 -6.31 23.23 6.53
CA LYS A 63 -7.42 23.91 7.19
C LYS A 63 -8.61 22.99 7.30
N ALA A 64 -8.85 22.26 6.24
CA ALA A 64 -9.97 21.36 6.22
C ALA A 64 -9.81 20.27 7.28
N LEU A 65 -8.57 19.76 7.47
CA LEU A 65 -8.30 18.75 8.47
C LEU A 65 -8.47 19.31 9.85
N GLU A 66 -8.16 20.58 10.05
CA GLU A 66 -8.35 21.14 11.37
C GLU A 66 -9.84 21.10 11.71
N LEU A 67 -10.67 21.40 10.71
CA LEU A 67 -12.11 21.33 10.89
C LEU A 67 -12.61 19.89 11.03
N ASP A 68 -12.03 18.95 10.25
CA ASP A 68 -12.41 17.54 10.34
C ASP A 68 -11.26 16.60 9.95
N PRO A 69 -10.44 16.16 10.92
CA PRO A 69 -9.23 15.41 10.74
C PRO A 69 -9.46 13.94 10.51
N ASN A 70 -10.72 13.50 10.37
CA ASN A 70 -10.93 12.08 10.17
C ASN A 70 -11.08 11.78 8.68
N ASN A 71 -10.88 12.79 7.86
CA ASN A 71 -11.04 12.57 6.44
C ASN A 71 -9.79 11.92 5.87
N ALA A 72 -9.85 10.59 5.82
CA ALA A 72 -8.73 9.78 5.38
C ALA A 72 -8.33 10.09 3.96
N GLU A 73 -9.30 10.40 3.13
CA GLU A 73 -8.98 10.67 1.74
C GLU A 73 -8.16 11.92 1.66
N ALA A 74 -8.51 12.92 2.45
CA ALA A 74 -7.78 14.15 2.50
C ALA A 74 -6.39 13.96 3.04
N TRP A 75 -6.25 13.08 4.03
CA TRP A 75 -4.92 12.84 4.56
C TRP A 75 -4.07 12.30 3.45
N TYR A 76 -4.64 11.40 2.65
CA TYR A 76 -3.93 10.87 1.52
C TYR A 76 -3.61 11.98 0.52
N ASN A 77 -4.60 12.80 0.17
CA ASN A 77 -4.39 13.82 -0.85
C ASN A 77 -3.34 14.83 -0.40
N LEU A 78 -3.29 15.07 0.89
CA LEU A 78 -2.34 15.98 1.46
C LEU A 78 -0.96 15.37 1.32
N GLY A 79 -0.83 14.09 1.63
CA GLY A 79 0.46 13.46 1.46
C GLY A 79 0.88 13.53 0.01
N ASN A 80 -0.08 13.42 -0.89
CA ASN A 80 0.28 13.45 -2.29
C ASN A 80 0.80 14.84 -2.66
N ALA A 81 0.16 15.89 -2.16
CA ALA A 81 0.66 17.23 -2.46
C ALA A 81 2.10 17.37 -1.93
N TYR A 82 2.37 16.77 -0.77
CA TYR A 82 3.71 16.85 -0.24
C TYR A 82 4.68 16.02 -1.09
N TYR A 83 4.26 14.87 -1.61
CA TYR A 83 5.14 14.08 -2.47
C TYR A 83 5.48 14.83 -3.74
N GLU A 84 4.51 15.54 -4.30
CA GLU A 84 4.74 16.27 -5.52
C GLU A 84 5.78 17.37 -5.31
N ARG A 85 5.84 17.90 -4.10
CA ARG A 85 6.82 18.92 -3.75
C ARG A 85 8.18 18.31 -3.39
N GLY A 86 8.27 16.97 -3.33
CA GLY A 86 9.47 16.25 -2.94
C GLY A 86 9.58 16.05 -1.44
N GLU A 87 8.53 16.40 -0.71
CA GLU A 87 8.53 16.31 0.73
C GLU A 87 8.10 14.94 1.19
N TYR A 88 8.97 13.96 0.96
CA TYR A 88 8.70 12.56 1.24
C TYR A 88 8.45 12.24 2.69
N GLU A 89 9.17 12.86 3.60
CA GLU A 89 8.98 12.55 5.01
C GLU A 89 7.62 13.04 5.51
N GLU A 90 7.24 14.25 5.09
CA GLU A 90 5.94 14.73 5.50
C GLU A 90 4.88 13.91 4.84
N ALA A 91 5.08 13.68 3.57
CA ALA A 91 4.14 12.99 2.78
C ALA A 91 3.86 11.57 3.22
N ILE A 92 4.89 10.87 3.70
CA ILE A 92 4.67 9.50 4.12
C ILE A 92 3.84 9.49 5.38
N GLU A 93 4.01 10.46 6.26
CA GLU A 93 3.17 10.45 7.44
C GLU A 93 1.72 10.71 7.06
N TYR A 94 1.48 11.60 6.10
CA TYR A 94 0.11 11.88 5.74
C TYR A 94 -0.55 10.63 5.10
N TYR A 95 0.19 9.87 4.27
CA TYR A 95 -0.39 8.64 3.72
C TYR A 95 -0.60 7.57 4.79
N ARG A 96 0.33 7.46 5.74
CA ARG A 96 0.18 6.47 6.78
C ARG A 96 -1.01 6.79 7.66
N LYS A 97 -1.23 8.08 7.94
CA LYS A 97 -2.37 8.44 8.74
C LYS A 97 -3.63 8.11 7.99
N ALA A 98 -3.65 8.36 6.67
CA ALA A 98 -4.84 8.05 5.89
C ALA A 98 -5.15 6.57 5.95
N LEU A 99 -4.13 5.73 5.89
CA LEU A 99 -4.34 4.30 5.94
C LEU A 99 -4.80 3.88 7.32
N ARG A 100 -4.26 4.48 8.37
CA ARG A 100 -4.70 4.11 9.70
C ARG A 100 -6.18 4.46 9.89
N LEU A 101 -6.59 5.63 9.38
CA LEU A 101 -7.99 6.03 9.46
C LEU A 101 -8.86 5.12 8.61
N ASP A 102 -8.34 4.74 7.45
CA ASP A 102 -9.05 3.84 6.56
C ASP A 102 -8.15 2.73 6.04
N PRO A 103 -8.11 1.59 6.72
CA PRO A 103 -7.30 0.42 6.42
C PRO A 103 -7.60 -0.18 5.06
N ASN A 104 -8.72 0.20 4.45
CA ASN A 104 -9.10 -0.34 3.17
C ASN A 104 -8.57 0.50 2.02
N ASN A 105 -7.77 1.52 2.34
CA ASN A 105 -7.23 2.34 1.28
C ASN A 105 -6.01 1.63 0.71
N ALA A 106 -6.31 0.66 -0.13
CA ALA A 106 -5.34 -0.19 -0.79
C ALA A 106 -4.38 0.62 -1.63
N ASP A 107 -4.88 1.69 -2.22
CA ASP A 107 -4.03 2.48 -3.07
C ASP A 107 -3.02 3.19 -2.19
N ALA A 108 -3.44 3.65 -1.00
CA ALA A 108 -2.49 4.28 -0.09
C ALA A 108 -1.47 3.26 0.32
N MET A 109 -1.87 2.01 0.53
CA MET A 109 -0.87 1.04 0.95
C MET A 109 0.25 0.92 -0.06
N GLN A 110 -0.12 0.78 -1.32
CA GLN A 110 0.92 0.59 -2.32
C GLN A 110 1.70 1.85 -2.59
N ASN A 111 1.03 2.99 -2.50
CA ASN A 111 1.72 4.20 -2.80
C ASN A 111 2.63 4.61 -1.65
N LEU A 112 2.24 4.34 -0.40
CA LEU A 112 3.08 4.71 0.72
C LEU A 112 4.24 3.73 0.77
N LEU A 113 4.01 2.50 0.34
CA LEU A 113 5.08 1.52 0.34
C LEU A 113 6.16 1.94 -0.64
N ASN A 114 5.77 2.36 -1.85
CA ASN A 114 6.76 2.79 -2.82
C ASN A 114 7.35 4.11 -2.42
N ALA A 115 6.56 4.94 -1.79
CA ALA A 115 7.07 6.20 -1.36
C ALA A 115 8.11 6.00 -0.29
N LYS A 116 7.90 5.03 0.62
CA LYS A 116 8.83 4.73 1.70
C LYS A 116 10.16 4.27 1.11
N MET A 117 10.10 3.46 0.03
CA MET A 117 11.32 2.99 -0.61
C MET A 117 12.13 4.19 -1.08
N ARG A 118 11.43 5.15 -1.69
CA ARG A 118 12.03 6.39 -2.17
C ARG A 118 12.40 7.38 -1.07
N GLU A 119 11.64 7.41 0.02
CA GLU A 119 11.92 8.33 1.12
C GLU A 119 13.34 8.12 1.59
N GLU A 120 13.70 6.83 1.74
CA GLU A 120 15.03 6.33 2.13
C GLU A 120 15.04 5.84 3.57
N LYS B 3 26.80 -13.62 -2.02
CA LYS B 3 26.83 -15.03 -2.39
C LYS B 3 25.99 -15.24 -3.65
N TYR B 4 24.77 -14.68 -3.67
CA TYR B 4 23.92 -14.80 -4.84
C TYR B 4 23.61 -13.46 -5.48
N ASP B 5 23.42 -13.48 -6.80
CA ASP B 5 23.10 -12.30 -7.60
C ASP B 5 21.70 -12.38 -8.20
N GLY B 6 20.81 -11.55 -7.66
CA GLY B 6 19.40 -11.53 -8.03
C GLY B 6 19.04 -10.49 -9.10
N SER B 7 20.04 -9.85 -9.71
CA SER B 7 19.79 -8.79 -10.67
C SER B 7 19.11 -9.24 -11.95
N LYS B 8 19.11 -10.54 -12.19
CA LYS B 8 18.50 -11.09 -13.37
C LYS B 8 17.16 -11.74 -13.06
N LEU B 9 16.70 -11.63 -11.81
CA LEU B 9 15.48 -12.30 -11.43
C LEU B 9 14.26 -11.40 -11.32
N ARG B 10 13.10 -11.95 -11.69
CA ARG B 10 11.83 -11.30 -11.44
C ARG B 10 11.14 -11.99 -10.30
N ILE B 11 10.93 -11.25 -9.24
CA ILE B 11 10.35 -11.83 -8.07
C ILE B 11 9.09 -11.12 -7.74
N GLY B 12 8.04 -11.86 -7.56
CA GLY B 12 6.79 -11.20 -7.25
C GLY B 12 6.38 -11.43 -5.84
N ILE B 13 5.64 -10.47 -5.33
CA ILE B 13 5.02 -10.53 -4.03
C ILE B 13 3.56 -10.27 -4.21
N LEU B 14 2.76 -11.17 -3.71
CA LEU B 14 1.34 -10.96 -3.80
C LEU B 14 0.95 -10.89 -2.37
N HIS B 15 0.22 -9.89 -1.95
CA HIS B 15 -0.04 -9.90 -0.54
C HIS B 15 -1.40 -9.47 -0.10
N ALA B 16 -1.73 -9.91 1.07
CA ALA B 16 -2.99 -9.59 1.70
C ALA B 16 -3.06 -8.12 2.06
N ARG B 17 -4.27 -7.57 2.00
CA ARG B 17 -4.49 -6.21 2.45
C ARG B 17 -4.74 -6.19 3.94
N TRP B 18 -5.37 -7.24 4.42
CA TRP B 18 -5.74 -7.36 5.82
C TRP B 18 -4.49 -7.56 6.64
N ASN B 19 -4.45 -7.01 7.86
CA ASN B 19 -3.27 -7.04 8.75
C ASN B 19 -2.05 -6.36 8.10
N ALA B 20 -2.33 -5.23 7.43
CA ALA B 20 -1.38 -4.41 6.70
C ALA B 20 -0.19 -3.95 7.51
N GLU B 21 -0.35 -3.67 8.77
CA GLU B 21 0.80 -3.17 9.52
C GLU B 21 1.94 -4.19 9.57
N ILE B 22 1.57 -5.45 9.66
CA ILE B 22 2.51 -6.51 9.79
C ILE B 22 3.04 -6.82 8.41
N ILE B 23 2.12 -6.88 7.46
CA ILE B 23 2.46 -7.21 6.10
C ILE B 23 3.33 -6.17 5.46
N LEU B 24 3.04 -4.90 5.61
CA LEU B 24 3.88 -3.94 4.95
C LEU B 24 5.29 -4.05 5.50
N ALA B 25 5.46 -4.29 6.80
CA ALA B 25 6.81 -4.48 7.28
C ALA B 25 7.45 -5.72 6.62
N LEU B 26 6.68 -6.80 6.44
CA LEU B 26 7.21 -8.01 5.81
C LEU B 26 7.55 -7.84 4.34
N VAL B 27 6.72 -7.11 3.63
CA VAL B 27 6.89 -6.90 2.21
C VAL B 27 8.14 -6.08 1.98
N LEU B 28 8.30 -5.01 2.76
CA LEU B 28 9.47 -4.20 2.57
C LEU B 28 10.71 -4.97 3.00
N GLY B 29 10.63 -5.72 4.09
CA GLY B 29 11.80 -6.48 4.52
C GLY B 29 12.32 -7.30 3.34
N ALA B 30 11.42 -8.04 2.68
CA ALA B 30 11.85 -8.84 1.56
C ALA B 30 12.42 -7.99 0.44
N LEU B 31 11.78 -6.86 0.12
CA LEU B 31 12.27 -6.04 -0.96
C LEU B 31 13.63 -5.47 -0.69
N LYS B 32 13.87 -5.00 0.52
CA LYS B 32 15.16 -4.43 0.81
C LYS B 32 16.24 -5.45 0.58
N ARG B 33 16.01 -6.69 1.06
CA ARG B 33 17.05 -7.68 0.87
C ARG B 33 17.18 -8.07 -0.58
N LEU B 34 16.07 -8.14 -1.31
CA LEU B 34 16.20 -8.56 -2.68
C LEU B 34 17.08 -7.57 -3.41
N GLN B 35 16.89 -6.28 -3.12
CA GLN B 35 17.69 -5.25 -3.73
C GLN B 35 19.14 -5.37 -3.27
N GLU B 36 19.38 -5.76 -2.02
CA GLU B 36 20.74 -5.94 -1.54
C GLU B 36 21.44 -7.06 -2.31
N PHE B 37 20.68 -8.03 -2.83
CA PHE B 37 21.26 -9.11 -3.62
C PHE B 37 21.34 -8.72 -5.08
N GLY B 38 21.01 -7.46 -5.40
CA GLY B 38 21.08 -6.94 -6.73
C GLY B 38 19.78 -6.96 -7.51
N VAL B 39 18.69 -7.43 -6.91
CA VAL B 39 17.44 -7.49 -7.63
C VAL B 39 17.06 -6.06 -7.93
N LYS B 40 16.70 -5.78 -9.17
CA LYS B 40 16.40 -4.42 -9.53
C LYS B 40 15.03 -4.09 -8.98
N ARG B 41 14.78 -2.86 -8.55
CA ARG B 41 13.46 -2.60 -7.99
C ARG B 41 12.37 -2.85 -9.03
N GLU B 42 12.65 -2.58 -10.30
CA GLU B 42 11.64 -2.76 -11.34
C GLU B 42 11.31 -4.22 -11.60
N ASN B 43 12.13 -5.13 -11.08
CA ASN B 43 11.90 -6.53 -11.28
C ASN B 43 11.18 -7.12 -10.07
N ILE B 44 10.77 -6.26 -9.12
CA ILE B 44 10.03 -6.75 -7.97
C ILE B 44 8.58 -6.32 -8.15
N ILE B 45 7.71 -7.29 -8.29
CA ILE B 45 6.33 -6.99 -8.61
C ILE B 45 5.47 -7.10 -7.38
N ILE B 46 4.88 -6.01 -6.92
CA ILE B 46 4.09 -6.09 -5.70
C ILE B 46 2.63 -5.77 -5.99
N GLU B 47 1.75 -6.71 -5.67
CA GLU B 47 0.30 -6.56 -5.87
C GLU B 47 -0.48 -7.11 -4.68
N THR B 48 -1.72 -6.65 -4.48
CA THR B 48 -2.53 -7.18 -3.38
C THR B 48 -3.83 -7.84 -3.73
N VAL B 49 -4.30 -8.63 -2.76
CA VAL B 49 -5.59 -9.30 -2.75
C VAL B 49 -6.18 -9.03 -1.36
N PRO B 50 -7.49 -9.15 -1.15
CA PRO B 50 -8.12 -8.99 0.15
C PRO B 50 -7.35 -9.74 1.25
N GLY B 51 -7.28 -11.07 1.13
CA GLY B 51 -6.61 -11.80 2.18
C GLY B 51 -6.08 -13.18 1.83
N SER B 52 -6.04 -14.00 2.87
CA SER B 52 -5.49 -15.32 2.84
C SER B 52 -6.24 -16.36 2.05
N PHE B 53 -7.52 -16.19 1.79
CA PHE B 53 -8.17 -17.17 0.94
C PHE B 53 -7.83 -16.94 -0.50
N GLU B 54 -7.59 -15.69 -0.87
CA GLU B 54 -7.27 -15.35 -2.23
C GLU B 54 -5.85 -15.76 -2.60
N LEU B 55 -4.90 -15.57 -1.70
CA LEU B 55 -3.49 -15.84 -2.02
C LEU B 55 -3.14 -17.26 -2.55
N PRO B 56 -3.71 -18.37 -2.04
CA PRO B 56 -3.44 -19.74 -2.41
C PRO B 56 -3.69 -20.05 -3.87
N TYR B 57 -4.44 -19.20 -4.58
CA TYR B 57 -4.66 -19.49 -5.96
C TYR B 57 -4.42 -18.22 -6.69
N GLY B 58 -4.53 -17.14 -5.93
CA GLY B 58 -4.37 -15.80 -6.46
C GLY B 58 -2.99 -15.69 -7.02
N SER B 59 -2.05 -16.37 -6.36
CA SER B 59 -0.68 -16.38 -6.76
C SER B 59 -0.48 -17.02 -8.12
N LYS B 60 -1.34 -17.95 -8.52
CA LYS B 60 -1.17 -18.54 -9.82
C LYS B 60 -1.70 -17.59 -10.83
N LEU B 61 -2.83 -16.97 -10.51
CA LEU B 61 -3.47 -16.08 -11.43
C LEU B 61 -2.55 -14.89 -11.67
N PHE B 62 -1.87 -14.48 -10.61
CA PHE B 62 -0.89 -13.41 -10.61
C PHE B 62 0.24 -13.77 -11.55
N VAL B 63 0.79 -14.96 -11.39
CA VAL B 63 1.88 -15.39 -12.26
C VAL B 63 1.47 -15.48 -13.69
N GLU B 64 0.28 -16.01 -13.96
CA GLU B 64 -0.16 -16.13 -15.32
C GLU B 64 -0.25 -14.77 -15.96
N LYS B 65 -0.75 -13.78 -15.23
CA LYS B 65 -0.82 -12.47 -15.80
C LYS B 65 0.57 -11.92 -16.06
N GLN B 66 1.50 -12.12 -15.12
CA GLN B 66 2.81 -11.52 -15.33
C GLN B 66 3.47 -12.16 -16.54
N LYS B 67 3.24 -13.47 -16.71
CA LYS B 67 3.79 -14.20 -17.83
C LYS B 67 3.22 -13.69 -19.14
N ARG B 68 1.90 -13.46 -19.21
CA ARG B 68 1.28 -12.96 -20.42
C ARG B 68 1.81 -11.60 -20.80
N LEU B 69 2.15 -10.81 -19.80
CA LEU B 69 2.65 -9.46 -19.99
C LEU B 69 4.12 -9.45 -20.42
N GLY B 70 4.76 -10.62 -20.46
CA GLY B 70 6.16 -10.70 -20.84
C GLY B 70 7.10 -10.58 -19.66
N LYS B 71 6.57 -10.66 -18.45
CA LYS B 71 7.38 -10.55 -17.26
C LYS B 71 7.18 -11.72 -16.33
N PRO B 72 7.45 -12.97 -16.74
CA PRO B 72 7.22 -14.14 -15.95
C PRO B 72 8.12 -14.05 -14.76
N LEU B 73 7.68 -14.56 -13.64
CA LEU B 73 8.49 -14.53 -12.45
C LEU B 73 9.39 -15.73 -12.37
N ASP B 74 10.52 -15.53 -11.72
CA ASP B 74 11.48 -16.57 -11.40
C ASP B 74 11.16 -17.15 -10.04
N ALA B 75 10.57 -16.33 -9.16
CA ALA B 75 10.17 -16.79 -7.82
C ALA B 75 9.04 -15.92 -7.31
N ILE B 76 8.24 -16.48 -6.41
CA ILE B 76 7.17 -15.70 -5.80
C ILE B 76 7.06 -15.87 -4.29
N ILE B 77 6.73 -14.78 -3.61
CA ILE B 77 6.51 -14.82 -2.17
C ILE B 77 5.12 -14.27 -1.86
N PRO B 78 4.07 -15.07 -1.80
CA PRO B 78 2.78 -14.62 -1.36
C PRO B 78 2.97 -14.25 0.10
N ILE B 79 2.42 -13.14 0.55
CA ILE B 79 2.54 -12.70 1.93
C ILE B 79 1.22 -12.42 2.61
N GLY B 80 1.08 -12.92 3.82
CA GLY B 80 -0.15 -12.65 4.55
C GLY B 80 -0.09 -13.12 5.98
N VAL B 81 -1.05 -12.70 6.78
CA VAL B 81 -1.04 -13.05 8.18
C VAL B 81 -2.30 -13.69 8.71
N LEU B 82 -2.17 -14.88 9.26
CA LEU B 82 -3.28 -15.55 9.88
C LEU B 82 -3.07 -15.51 11.37
N ILE B 83 -4.08 -15.01 12.07
CA ILE B 83 -4.04 -14.97 13.52
C ILE B 83 -5.26 -15.72 14.02
N LYS B 84 -5.04 -16.69 14.87
CA LYS B 84 -6.18 -17.45 15.37
C LYS B 84 -7.19 -16.59 16.10
N GLY B 85 -8.46 -16.76 15.71
CA GLY B 85 -9.59 -16.07 16.31
C GLY B 85 -10.44 -17.06 17.10
N SER B 86 -11.74 -16.77 17.20
CA SER B 86 -12.68 -17.60 17.96
C SER B 86 -13.29 -18.75 17.14
N THR B 87 -13.05 -18.71 15.83
CA THR B 87 -13.53 -19.65 14.83
C THR B 87 -12.37 -20.55 14.40
N MET B 88 -12.63 -21.59 13.59
CA MET B 88 -11.54 -22.45 13.14
C MET B 88 -11.06 -22.17 11.73
N HIS B 89 -11.37 -20.99 11.24
CA HIS B 89 -10.94 -20.62 9.91
C HIS B 89 -9.42 -20.62 9.89
N PHE B 90 -8.78 -20.23 11.01
CA PHE B 90 -7.34 -20.23 11.05
C PHE B 90 -6.78 -21.60 10.72
N GLU B 91 -7.22 -22.65 11.43
CA GLU B 91 -6.64 -23.95 11.18
C GLU B 91 -6.86 -24.47 9.77
N TYR B 92 -8.03 -24.22 9.20
CA TYR B 92 -8.29 -24.77 7.87
C TYR B 92 -7.59 -23.98 6.79
N ILE B 93 -7.44 -22.66 6.98
CA ILE B 93 -6.74 -21.85 5.99
C ILE B 93 -5.28 -22.17 6.07
N CYS B 94 -4.73 -22.24 7.30
CA CYS B 94 -3.31 -22.50 7.44
C CYS B 94 -2.95 -23.74 6.69
N ASP B 95 -3.75 -24.79 6.88
CA ASP B 95 -3.46 -26.02 6.23
C ASP B 95 -3.63 -25.95 4.73
N SER B 96 -4.80 -25.54 4.23
CA SER B 96 -4.96 -25.61 2.79
C SER B 96 -4.05 -24.67 2.07
N THR B 97 -3.69 -23.56 2.71
CA THR B 97 -2.80 -22.60 2.13
C THR B 97 -1.47 -23.22 1.96
N THR B 98 -1.01 -23.92 2.99
CA THR B 98 0.28 -24.54 2.93
C THR B 98 0.29 -25.55 1.81
N HIS B 99 -0.77 -26.35 1.67
CA HIS B 99 -0.76 -27.35 0.63
C HIS B 99 -0.77 -26.71 -0.73
N GLN B 100 -1.52 -25.63 -0.90
CA GLN B 100 -1.52 -25.02 -2.22
C GLN B 100 -0.16 -24.44 -2.53
N LEU B 101 0.48 -23.84 -1.55
CA LEU B 101 1.76 -23.23 -1.81
C LEU B 101 2.81 -24.27 -2.07
N MET B 102 2.72 -25.43 -1.43
CA MET B 102 3.69 -26.45 -1.74
C MET B 102 3.42 -27.01 -3.14
N LYS B 103 2.16 -27.20 -3.52
CA LYS B 103 1.88 -27.73 -4.84
C LYS B 103 2.36 -26.80 -5.94
N LEU B 104 2.24 -25.52 -5.67
CA LEU B 104 2.60 -24.47 -6.59
C LEU B 104 4.09 -24.36 -6.82
N ASN B 105 4.90 -25.02 -5.99
CA ASN B 105 6.33 -25.03 -6.20
C ASN B 105 6.65 -25.81 -7.44
N PHE B 106 5.75 -26.71 -7.82
CA PHE B 106 5.99 -27.46 -9.01
C PHE B 106 5.04 -26.96 -10.09
N GLU B 107 3.79 -26.67 -9.72
CA GLU B 107 2.82 -26.27 -10.73
C GLU B 107 3.19 -24.99 -11.45
N LEU B 108 3.84 -24.04 -10.77
CA LEU B 108 4.19 -22.80 -11.42
C LEU B 108 5.56 -22.84 -12.08
N GLY B 109 6.34 -23.88 -11.79
CA GLY B 109 7.70 -23.99 -12.29
C GLY B 109 8.73 -23.16 -11.51
N ILE B 110 8.27 -22.45 -10.48
CA ILE B 110 9.13 -21.58 -9.70
C ILE B 110 8.97 -21.81 -8.20
N PRO B 111 9.97 -21.48 -7.38
CA PRO B 111 9.87 -21.51 -5.95
C PRO B 111 8.76 -20.61 -5.46
N VAL B 112 8.01 -21.11 -4.50
CA VAL B 112 6.94 -20.38 -3.87
C VAL B 112 7.29 -20.39 -2.40
N ILE B 113 7.48 -19.20 -1.88
CA ILE B 113 7.92 -19.01 -0.53
C ILE B 113 6.76 -18.82 0.40
N PHE B 114 6.76 -19.54 1.50
CA PHE B 114 5.64 -19.42 2.40
C PHE B 114 5.81 -18.16 3.21
N GLY B 115 5.22 -17.08 2.71
CA GLY B 115 5.31 -15.74 3.28
C GLY B 115 4.11 -15.46 4.18
N VAL B 116 3.40 -16.50 4.47
CA VAL B 116 2.21 -16.49 5.28
C VAL B 116 2.51 -16.81 6.74
N LEU B 117 1.93 -16.07 7.65
CA LEU B 117 2.15 -16.40 9.06
C LEU B 117 1.02 -17.21 9.59
N THR B 118 1.32 -18.11 10.51
CA THR B 118 0.29 -18.93 11.16
C THR B 118 0.44 -18.78 12.66
N CYS B 119 0.05 -17.62 13.16
CA CYS B 119 0.23 -17.22 14.54
C CYS B 119 -1.04 -17.32 15.34
N LEU B 120 -0.90 -17.48 16.64
CA LEU B 120 -2.08 -17.53 17.46
C LEU B 120 -2.40 -16.15 18.00
N THR B 121 -1.38 -15.30 18.10
CA THR B 121 -1.59 -13.96 18.63
C THR B 121 -1.04 -12.92 17.67
N ASP B 122 -1.32 -11.67 17.99
CA ASP B 122 -0.87 -10.58 17.17
C ASP B 122 0.57 -10.31 17.49
N GLU B 123 0.94 -10.45 18.75
CA GLU B 123 2.31 -10.17 19.12
C GLU B 123 3.25 -11.10 18.39
N GLN B 124 2.83 -12.34 18.17
CA GLN B 124 3.69 -13.26 17.46
C GLN B 124 3.85 -12.86 16.01
N ALA B 125 2.75 -12.49 15.34
CA ALA B 125 2.86 -12.07 13.95
C ALA B 125 3.68 -10.78 13.82
N GLU B 126 3.48 -9.89 14.78
CA GLU B 126 4.15 -8.61 14.78
C GLU B 126 5.63 -8.84 14.99
N ALA B 127 6.01 -9.76 15.89
CA ALA B 127 7.42 -10.04 16.10
C ALA B 127 8.03 -10.67 14.86
N ARG B 128 7.29 -11.55 14.20
CA ARG B 128 7.85 -12.19 13.02
C ARG B 128 8.14 -11.17 11.92
N ALA B 129 7.39 -10.08 11.88
CA ALA B 129 7.62 -9.02 10.91
C ALA B 129 8.69 -8.05 11.35
N GLY B 130 9.21 -8.22 12.56
CA GLY B 130 10.21 -7.33 13.10
C GLY B 130 9.53 -6.01 13.45
N LEU B 131 8.23 -6.08 13.75
CA LEU B 131 7.44 -4.90 14.04
C LEU B 131 7.64 -4.52 15.50
N ILE B 132 8.18 -5.48 16.25
CA ILE B 132 8.49 -5.36 17.66
C ILE B 132 10.01 -5.35 17.76
N GLU B 133 10.55 -4.24 18.23
CA GLU B 133 12.01 -4.06 18.28
C GLU B 133 12.71 -5.08 19.14
N GLY B 134 12.07 -5.50 20.21
CA GLY B 134 12.66 -6.44 21.14
C GLY B 134 12.38 -7.92 20.86
N LYS B 135 11.76 -8.26 19.74
CA LYS B 135 11.47 -9.68 19.55
C LYS B 135 11.63 -10.15 18.10
N MET B 136 12.19 -11.35 17.93
CA MET B 136 12.42 -11.96 16.62
C MET B 136 13.18 -11.02 15.68
N HIS B 137 12.83 -11.04 14.39
CA HIS B 137 13.46 -10.22 13.36
C HIS B 137 12.49 -10.16 12.20
N ASN B 138 12.73 -9.27 11.25
CA ASN B 138 11.79 -9.26 10.14
C ASN B 138 12.07 -10.40 9.21
N HIS B 139 11.22 -11.40 9.29
CA HIS B 139 11.32 -12.65 8.55
C HIS B 139 11.18 -12.41 7.07
N GLY B 140 10.64 -11.28 6.70
CA GLY B 140 10.46 -10.94 5.31
C GLY B 140 11.80 -10.93 4.63
N GLU B 141 12.84 -10.58 5.39
CA GLU B 141 14.17 -10.51 4.89
C GLU B 141 14.67 -11.88 4.48
N ASP B 142 14.25 -12.92 5.20
CA ASP B 142 14.72 -14.25 4.94
C ASP B 142 14.01 -14.74 3.72
N TRP B 143 12.75 -14.35 3.59
CA TRP B 143 11.96 -14.77 2.46
C TRP B 143 12.57 -14.20 1.20
N GLY B 144 12.98 -12.94 1.28
CA GLY B 144 13.61 -12.28 0.16
C GLY B 144 14.88 -13.03 -0.22
N ALA B 145 15.73 -13.26 0.77
CA ALA B 145 16.97 -13.95 0.49
C ALA B 145 16.74 -15.34 -0.05
N ALA B 146 15.74 -16.03 0.48
CA ALA B 146 15.46 -17.37 0.04
C ALA B 146 15.03 -17.34 -1.38
N ALA B 147 14.21 -16.37 -1.78
CA ALA B 147 13.77 -16.36 -3.14
C ALA B 147 14.97 -16.25 -4.07
N VAL B 148 15.94 -15.44 -3.69
CA VAL B 148 17.09 -15.28 -4.55
C VAL B 148 17.87 -16.56 -4.62
N GLU B 149 18.09 -17.21 -3.49
CA GLU B 149 18.83 -18.44 -3.52
C GLU B 149 18.07 -19.53 -4.25
N MET B 150 16.81 -19.71 -3.97
CA MET B 150 16.11 -20.83 -4.59
C MET B 150 16.07 -20.67 -6.09
N ALA B 151 15.95 -19.43 -6.55
CA ALA B 151 15.86 -19.10 -7.96
C ALA B 151 17.17 -19.20 -8.72
N THR B 152 18.29 -19.32 -8.01
CA THR B 152 19.61 -19.34 -8.63
C THR B 152 20.40 -20.62 -8.33
N LYS B 153 20.20 -21.13 -7.14
CA LYS B 153 20.88 -22.27 -6.58
C LYS B 153 20.75 -23.52 -7.39
N PHE B 154 19.57 -23.73 -7.91
CA PHE B 154 19.28 -24.96 -8.56
C PHE B 154 19.37 -24.88 -10.06
N ASN B 155 19.99 -23.82 -10.57
CA ASN B 155 20.12 -23.68 -12.00
C ASN B 155 21.47 -24.24 -12.43
#